data_1QGM
#
_entry.id   1QGM
#
_cell.length_a   1.000
_cell.length_b   1.000
_cell.length_c   1.000
_cell.angle_alpha   90.00
_cell.angle_beta   90.00
_cell.angle_gamma   90.00
#
_symmetry.space_group_name_H-M   'P 1'
#
_entity_poly.entity_id   1
_entity_poly.type   'polypeptide(L)'
_entity_poly.pdbx_seq_one_letter_code
;VIHCDAATICPDGTTCSLSPYGVWYCSPFS
;
_entity_poly.pdbx_strand_id   A
#
# COMPACT_ATOMS: atom_id res chain seq x y z
N VAL A 1 -0.62 -10.88 -2.45
CA VAL A 1 -0.63 -9.43 -2.08
C VAL A 1 0.81 -8.91 -1.96
N ILE A 2 1.01 -7.65 -2.21
CA ILE A 2 2.39 -7.08 -2.12
C ILE A 2 2.68 -6.63 -0.69
N HIS A 3 3.92 -6.36 -0.37
CA HIS A 3 4.27 -5.93 1.01
C HIS A 3 5.36 -4.85 0.96
N CYS A 4 5.51 -4.10 2.02
CA CYS A 4 6.55 -3.04 2.04
C CYS A 4 6.86 -2.62 3.49
N ASP A 5 5.86 -2.58 4.33
CA ASP A 5 6.10 -2.19 5.75
C ASP A 5 6.33 -3.43 6.60
N ALA A 6 5.27 -4.11 6.97
CA ALA A 6 5.43 -5.34 7.81
C ALA A 6 4.06 -5.83 8.28
N ALA A 7 3.13 -4.94 8.47
CA ALA A 7 1.77 -5.35 8.92
C ALA A 7 0.75 -5.12 7.81
N THR A 8 0.57 -3.90 7.39
CA THR A 8 -0.40 -3.60 6.31
C THR A 8 -0.09 -4.45 5.07
N ILE A 9 -1.08 -4.78 4.30
CA ILE A 9 -0.83 -5.60 3.07
C ILE A 9 -1.27 -4.84 1.82
N CYS A 10 -0.97 -5.37 0.67
CA CYS A 10 -1.37 -4.67 -0.59
C CYS A 10 -2.05 -5.66 -1.54
N PRO A 11 -3.13 -5.22 -2.13
CA PRO A 11 -3.88 -6.08 -3.08
C PRO A 11 -3.11 -6.24 -4.39
N ASP A 12 -3.78 -6.63 -5.44
CA ASP A 12 -3.08 -6.82 -6.74
C ASP A 12 -3.23 -5.56 -7.61
N GLY A 13 -2.27 -5.29 -8.45
CA GLY A 13 -2.36 -4.09 -9.33
C GLY A 13 -2.33 -2.83 -8.46
N THR A 14 -1.34 -2.70 -7.62
CA THR A 14 -1.27 -1.49 -6.75
C THR A 14 0.17 -1.29 -6.24
N THR A 15 0.44 -0.17 -5.62
CA THR A 15 1.81 0.09 -5.09
C THR A 15 1.74 0.56 -3.64
N CYS A 16 2.53 -0.02 -2.77
CA CYS A 16 2.50 0.39 -1.34
C CYS A 16 2.73 1.90 -1.22
N SER A 17 1.91 2.57 -0.44
CA SER A 17 2.07 4.04 -0.29
C SER A 17 1.56 4.49 1.09
N LEU A 18 2.01 5.62 1.55
CA LEU A 18 1.55 6.11 2.88
C LEU A 18 0.57 7.27 2.71
N SER A 19 -0.51 7.27 3.45
CA SER A 19 -1.49 8.37 3.34
C SER A 19 -1.00 9.62 4.08
N PRO A 20 -1.62 10.72 3.79
CA PRO A 20 -1.24 12.00 4.44
C PRO A 20 -1.62 11.96 5.92
N TYR A 21 -2.39 10.99 6.32
CA TYR A 21 -2.77 10.88 7.75
C TYR A 21 -1.91 9.82 8.44
N GLY A 22 -0.96 9.26 7.73
CA GLY A 22 -0.09 8.22 8.34
C GLY A 22 -0.76 6.84 8.16
N VAL A 23 -1.65 6.74 7.21
CA VAL A 23 -2.34 5.43 6.99
C VAL A 23 -1.61 4.63 5.91
N TRP A 24 -1.19 3.43 6.23
CA TRP A 24 -0.47 2.60 5.22
C TRP A 24 -1.47 1.92 4.29
N TYR A 25 -1.26 2.00 3.01
CA TYR A 25 -2.21 1.36 2.05
C TYR A 25 -1.58 1.28 0.65
N CYS A 26 -2.23 0.61 -0.26
CA CYS A 26 -1.67 0.52 -1.64
C CYS A 26 -2.51 1.35 -2.61
N SER A 27 -1.87 2.06 -3.49
CA SER A 27 -2.64 2.90 -4.47
C SER A 27 -2.55 2.30 -5.87
N PRO A 28 -3.61 2.46 -6.62
CA PRO A 28 -3.66 1.94 -8.00
C PRO A 28 -2.77 2.77 -8.92
N PHE A 29 -1.73 2.19 -9.45
CA PHE A 29 -0.83 2.95 -10.35
C PHE A 29 -1.09 2.56 -11.81
N SER A 30 -0.53 3.29 -12.74
CA SER A 30 -0.76 2.97 -14.18
C SER A 30 0.20 3.77 -15.07
N VAL A 1 -0.63 -10.68 -2.68
CA VAL A 1 -0.68 -9.29 -2.12
C VAL A 1 0.74 -8.71 -2.06
N ILE A 2 0.85 -7.42 -1.88
CA ILE A 2 2.20 -6.79 -1.82
C ILE A 2 2.55 -6.40 -0.38
N HIS A 3 3.81 -6.28 -0.07
CA HIS A 3 4.22 -5.90 1.31
C HIS A 3 5.29 -4.81 1.26
N CYS A 4 5.07 -3.71 1.93
CA CYS A 4 6.08 -2.62 1.92
C CYS A 4 6.70 -2.44 3.31
N ASP A 5 5.88 -2.32 4.32
CA ASP A 5 6.43 -2.14 5.69
C ASP A 5 6.62 -3.49 6.38
N ALA A 6 5.56 -4.16 6.72
CA ALA A 6 5.69 -5.48 7.40
C ALA A 6 4.31 -6.01 7.80
N ALA A 7 3.50 -5.19 8.41
CA ALA A 7 2.14 -5.65 8.82
C ALA A 7 1.09 -5.19 7.82
N THR A 8 1.39 -4.20 7.03
CA THR A 8 0.40 -3.71 6.03
C THR A 8 0.46 -4.58 4.77
N ILE A 9 -0.67 -4.87 4.18
CA ILE A 9 -0.69 -5.72 2.95
C ILE A 9 -1.43 -5.01 1.82
N CYS A 10 -1.30 -5.49 0.61
CA CYS A 10 -2.00 -4.84 -0.53
C CYS A 10 -2.38 -5.89 -1.57
N PRO A 11 -3.39 -5.59 -2.34
CA PRO A 11 -3.85 -6.53 -3.38
C PRO A 11 -2.86 -6.56 -4.55
N ASP A 12 -3.25 -7.12 -5.66
CA ASP A 12 -2.32 -7.17 -6.82
C ASP A 12 -2.59 -6.00 -7.78
N GLY A 13 -1.58 -5.57 -8.50
CA GLY A 13 -1.77 -4.44 -9.45
C GLY A 13 -1.80 -3.12 -8.67
N THR A 14 -1.42 -3.16 -7.41
CA THR A 14 -1.42 -1.90 -6.60
C THR A 14 -0.03 -1.66 -6.01
N THR A 15 0.18 -0.50 -5.43
CA THR A 15 1.51 -0.20 -4.84
C THR A 15 1.35 0.33 -3.40
N CYS A 16 2.19 -0.10 -2.51
CA CYS A 16 2.07 0.38 -1.10
C CYS A 16 2.28 1.89 -1.02
N SER A 17 1.45 2.58 -0.29
CA SER A 17 1.60 4.06 -0.18
C SER A 17 1.00 4.56 1.14
N LEU A 18 1.71 5.40 1.84
CA LEU A 18 1.17 5.91 3.14
C LEU A 18 0.40 7.22 2.92
N SER A 19 -0.66 7.43 3.65
CA SER A 19 -1.44 8.68 3.49
C SER A 19 -0.77 9.83 4.22
N PRO A 20 -1.29 11.01 4.02
CA PRO A 20 -0.73 12.22 4.66
C PRO A 20 -0.99 12.19 6.16
N TYR A 21 -1.76 11.24 6.61
CA TYR A 21 -2.04 11.13 8.07
C TYR A 21 -1.33 9.90 8.64
N GLY A 22 -0.63 9.18 7.81
CA GLY A 22 0.09 7.97 8.30
C GLY A 22 -0.80 6.74 8.07
N VAL A 23 -1.78 6.85 7.23
CA VAL A 23 -2.68 5.69 6.96
C VAL A 23 -2.10 4.81 5.86
N TRP A 24 -1.63 3.64 6.20
CA TRP A 24 -1.05 2.73 5.16
C TRP A 24 -2.14 2.27 4.18
N TYR A 25 -1.94 2.50 2.91
CA TYR A 25 -2.95 2.07 1.91
C TYR A 25 -2.27 1.69 0.59
N CYS A 26 -3.02 1.14 -0.34
CA CYS A 26 -2.39 0.74 -1.64
C CYS A 26 -2.82 1.71 -2.74
N SER A 27 -1.88 2.39 -3.34
CA SER A 27 -2.24 3.36 -4.43
C SER A 27 -2.32 2.62 -5.78
N PRO A 28 -3.31 2.99 -6.54
CA PRO A 28 -3.52 2.36 -7.87
C PRO A 28 -2.52 2.91 -8.88
N PHE A 29 -1.72 2.06 -9.46
CA PHE A 29 -0.72 2.54 -10.46
C PHE A 29 -0.97 1.87 -11.82
N SER A 30 -0.51 2.48 -12.89
CA SER A 30 -0.72 1.88 -14.23
C SER A 30 0.52 2.08 -15.10
N VAL A 1 -0.41 -11.27 -2.64
CA VAL A 1 -0.44 -9.81 -2.31
C VAL A 1 0.98 -9.25 -2.26
N ILE A 2 1.11 -7.94 -2.31
CA ILE A 2 2.46 -7.33 -2.25
C ILE A 2 2.82 -6.98 -0.80
N HIS A 3 4.07 -7.15 -0.44
CA HIS A 3 4.47 -6.81 0.96
C HIS A 3 5.60 -5.77 0.94
N CYS A 4 5.32 -4.57 1.34
CA CYS A 4 6.37 -3.51 1.34
C CYS A 4 6.11 -2.51 2.48
N ASP A 5 5.40 -2.92 3.49
CA ASP A 5 5.12 -2.00 4.63
C ASP A 5 5.28 -2.74 5.96
N ALA A 6 4.81 -2.16 7.03
CA ALA A 6 4.93 -2.83 8.36
C ALA A 6 3.99 -4.04 8.43
N ALA A 7 2.71 -3.81 8.28
CA ALA A 7 1.74 -4.94 8.34
C ALA A 7 0.71 -4.80 7.22
N THR A 8 0.17 -3.63 7.03
CA THR A 8 -0.85 -3.44 5.95
C THR A 8 -0.37 -4.11 4.65
N ILE A 9 -1.03 -5.16 4.25
CA ILE A 9 -0.61 -5.85 2.99
C ILE A 9 -1.25 -5.18 1.77
N CYS A 10 -0.79 -5.51 0.59
CA CYS A 10 -1.37 -4.89 -0.62
C CYS A 10 -1.75 -5.97 -1.65
N PRO A 11 -2.85 -5.76 -2.30
CA PRO A 11 -3.33 -6.71 -3.33
C PRO A 11 -2.47 -6.60 -4.59
N ASP A 12 -2.91 -7.17 -5.68
CA ASP A 12 -2.13 -7.09 -6.94
C ASP A 12 -2.58 -5.89 -7.77
N GLY A 13 -1.68 -5.31 -8.51
CA GLY A 13 -2.05 -4.13 -9.35
C GLY A 13 -1.99 -2.86 -8.51
N THR A 14 -1.63 -2.97 -7.26
CA THR A 14 -1.55 -1.76 -6.39
C THR A 14 -0.11 -1.53 -5.92
N THR A 15 0.16 -0.41 -5.31
CA THR A 15 1.54 -0.13 -4.82
C THR A 15 1.50 0.43 -3.39
N CYS A 16 2.48 0.08 -2.60
CA CYS A 16 2.52 0.59 -1.19
C CYS A 16 2.38 2.11 -1.18
N SER A 17 1.65 2.64 -0.24
CA SER A 17 1.50 4.13 -0.16
C SER A 17 1.04 4.54 1.24
N LEU A 18 1.76 5.42 1.88
CA LEU A 18 1.37 5.86 3.24
C LEU A 18 0.68 7.22 3.18
N SER A 19 -0.56 7.29 3.59
CA SER A 19 -1.28 8.59 3.56
C SER A 19 -0.51 9.64 4.37
N PRO A 20 -0.83 10.88 4.12
CA PRO A 20 -0.17 11.98 4.85
C PRO A 20 -0.60 11.99 6.31
N TYR A 21 -1.53 11.15 6.67
CA TYR A 21 -1.97 11.08 8.08
C TYR A 21 -1.31 9.87 8.77
N GLY A 22 -0.60 9.07 8.02
CA GLY A 22 0.06 7.88 8.63
C GLY A 22 -0.79 6.64 8.36
N VAL A 23 -1.69 6.72 7.42
CA VAL A 23 -2.55 5.53 7.12
C VAL A 23 -1.90 4.66 6.05
N TRP A 24 -1.55 3.45 6.40
CA TRP A 24 -0.90 2.54 5.41
C TRP A 24 -1.93 2.03 4.40
N TYR A 25 -1.69 2.20 3.13
CA TYR A 25 -2.67 1.72 2.11
C TYR A 25 -1.94 1.44 0.78
N CYS A 26 -2.65 0.91 -0.18
CA CYS A 26 -2.01 0.61 -1.50
C CYS A 26 -2.65 1.47 -2.59
N SER A 27 -1.88 2.33 -3.20
CA SER A 27 -2.45 3.20 -4.28
C SER A 27 -2.43 2.46 -5.62
N PRO A 28 -3.54 2.55 -6.32
CA PRO A 28 -3.65 1.90 -7.64
C PRO A 28 -2.85 2.67 -8.70
N PHE A 29 -1.87 2.05 -9.28
CA PHE A 29 -1.05 2.75 -10.32
C PHE A 29 -1.12 1.99 -11.64
N SER A 30 -0.85 2.65 -12.74
CA SER A 30 -0.89 1.96 -14.06
C SER A 30 -0.65 2.98 -15.18
N VAL A 1 0.38 -11.50 -1.81
CA VAL A 1 -0.11 -10.11 -1.58
C VAL A 1 1.06 -9.17 -1.28
N ILE A 2 1.25 -8.16 -2.09
CA ILE A 2 2.37 -7.21 -1.84
C ILE A 2 2.40 -6.82 -0.36
N HIS A 3 3.53 -6.40 0.14
CA HIS A 3 3.62 -6.02 1.58
C HIS A 3 4.30 -4.65 1.72
N CYS A 4 5.53 -4.54 1.28
CA CYS A 4 6.24 -3.22 1.40
C CYS A 4 6.49 -2.90 2.88
N ASP A 5 5.46 -2.63 3.62
CA ASP A 5 5.64 -2.30 5.06
C ASP A 5 5.80 -3.59 5.88
N ALA A 6 5.18 -3.65 7.04
CA ALA A 6 5.31 -4.89 7.87
C ALA A 6 3.93 -5.39 8.28
N ALA A 7 2.90 -4.65 7.97
CA ALA A 7 1.53 -5.09 8.35
C ALA A 7 0.56 -4.85 7.20
N THR A 8 0.33 -3.61 6.85
CA THR A 8 -0.61 -3.30 5.73
C THR A 8 -0.27 -4.17 4.51
N ILE A 9 -1.13 -5.08 4.16
CA ILE A 9 -0.85 -5.95 2.97
C ILE A 9 -1.45 -5.32 1.71
N CYS A 10 -0.87 -5.59 0.58
CA CYS A 10 -1.40 -5.00 -0.68
C CYS A 10 -1.65 -6.10 -1.72
N PRO A 11 -2.75 -5.97 -2.42
CA PRO A 11 -3.11 -6.96 -3.45
C PRO A 11 -2.23 -6.77 -4.70
N ASP A 12 -2.66 -7.28 -5.82
CA ASP A 12 -1.85 -7.14 -7.06
C ASP A 12 -2.34 -5.95 -7.88
N GLY A 13 -1.47 -5.32 -8.62
CA GLY A 13 -1.88 -4.14 -9.44
C GLY A 13 -1.91 -2.88 -8.57
N THR A 14 -1.34 -2.95 -7.39
CA THR A 14 -1.34 -1.76 -6.50
C THR A 14 0.09 -1.36 -6.15
N THR A 15 0.28 -0.21 -5.55
CA THR A 15 1.65 0.23 -5.18
C THR A 15 1.67 0.71 -3.73
N CYS A 16 2.82 0.70 -3.10
CA CYS A 16 2.91 1.18 -1.69
C CYS A 16 2.42 2.63 -1.59
N SER A 17 1.51 2.90 -0.71
CA SER A 17 1.00 4.29 -0.59
C SER A 17 0.76 4.66 0.87
N LEU A 18 1.36 5.72 1.34
CA LEU A 18 1.15 6.15 2.75
C LEU A 18 0.31 7.42 2.80
N SER A 19 -0.74 7.42 3.55
CA SER A 19 -1.60 8.62 3.64
C SER A 19 -0.85 9.75 4.35
N PRO A 20 -1.36 10.95 4.19
CA PRO A 20 -0.75 12.13 4.83
C PRO A 20 -0.94 12.06 6.35
N TYR A 21 -1.72 11.13 6.81
CA TYR A 21 -1.95 11.00 8.27
C TYR A 21 -1.09 9.86 8.82
N GLY A 22 -0.34 9.19 7.98
CA GLY A 22 0.51 8.07 8.45
C GLY A 22 -0.26 6.76 8.28
N VAL A 23 -1.29 6.76 7.48
CA VAL A 23 -2.08 5.51 7.27
C VAL A 23 -1.52 4.72 6.08
N TRP A 24 -0.94 3.57 6.34
CA TRP A 24 -0.38 2.76 5.22
C TRP A 24 -1.50 2.17 4.37
N TYR A 25 -1.32 2.10 3.08
CA TYR A 25 -2.38 1.53 2.20
C TYR A 25 -1.85 1.34 0.78
N CYS A 26 -2.62 0.74 -0.07
CA CYS A 26 -2.15 0.51 -1.47
C CYS A 26 -2.87 1.45 -2.44
N SER A 27 -2.19 1.96 -3.43
CA SER A 27 -2.83 2.88 -4.40
C SER A 27 -2.78 2.29 -5.82
N PRO A 28 -3.83 2.49 -6.55
CA PRO A 28 -3.91 1.96 -7.93
C PRO A 28 -3.04 2.81 -8.87
N PHE A 29 -1.91 2.31 -9.26
CA PHE A 29 -1.02 3.08 -10.16
C PHE A 29 -0.96 2.41 -11.54
N SER A 30 -0.75 3.17 -12.58
CA SER A 30 -0.68 2.57 -13.95
C SER A 30 0.66 1.86 -14.14
N VAL A 1 0.66 -10.91 -2.46
CA VAL A 1 0.26 -9.53 -2.09
C VAL A 1 1.50 -8.67 -1.83
N ILE A 2 1.41 -7.39 -2.07
CA ILE A 2 2.58 -6.50 -1.83
C ILE A 2 2.64 -6.07 -0.36
N HIS A 3 3.81 -5.88 0.16
CA HIS A 3 3.93 -5.47 1.59
C HIS A 3 4.60 -4.09 1.70
N CYS A 4 3.98 -3.17 2.38
CA CYS A 4 4.58 -1.81 2.53
C CYS A 4 5.64 -1.82 3.62
N ASP A 5 5.24 -1.97 4.86
CA ASP A 5 6.23 -1.99 5.97
C ASP A 5 6.43 -3.42 6.47
N ALA A 6 5.65 -3.83 7.44
CA ALA A 6 5.80 -5.22 7.97
C ALA A 6 4.43 -5.77 8.41
N ALA A 7 3.37 -5.08 8.07
CA ALA A 7 2.01 -5.56 8.47
C ALA A 7 1.02 -5.33 7.33
N THR A 8 0.58 -4.12 7.16
CA THR A 8 -0.40 -3.83 6.06
C THR A 8 -0.02 -4.59 4.80
N ILE A 9 -1.00 -4.99 4.02
CA ILE A 9 -0.69 -5.74 2.77
C ILE A 9 -1.46 -5.14 1.59
N CYS A 10 -1.15 -5.54 0.39
CA CYS A 10 -1.87 -4.98 -0.80
C CYS A 10 -2.02 -6.06 -1.88
N PRO A 11 -3.12 -5.98 -2.58
CA PRO A 11 -3.40 -6.96 -3.66
C PRO A 11 -2.50 -6.70 -4.87
N ASP A 12 -2.70 -7.42 -5.94
CA ASP A 12 -1.85 -7.21 -7.16
C ASP A 12 -2.42 -6.07 -8.01
N GLY A 13 -1.61 -5.46 -8.81
CA GLY A 13 -2.10 -4.34 -9.66
C GLY A 13 -2.13 -3.05 -8.85
N THR A 14 -1.68 -3.09 -7.62
CA THR A 14 -1.67 -1.87 -6.78
C THR A 14 -0.28 -1.62 -6.20
N THR A 15 -0.06 -0.48 -5.60
CA THR A 15 1.28 -0.17 -5.03
C THR A 15 1.14 0.26 -3.56
N CYS A 16 2.18 0.10 -2.79
CA CYS A 16 2.11 0.52 -1.36
C CYS A 16 2.14 2.04 -1.25
N SER A 17 1.21 2.61 -0.53
CA SER A 17 1.20 4.09 -0.39
C SER A 17 0.89 4.48 1.06
N LEU A 18 1.69 5.35 1.63
CA LEU A 18 1.43 5.76 3.03
C LEU A 18 0.83 7.16 3.08
N SER A 19 -0.44 7.26 3.37
CA SER A 19 -1.08 8.60 3.43
C SER A 19 -0.21 9.58 4.23
N PRO A 20 -0.41 10.84 3.99
CA PRO A 20 0.36 11.88 4.69
C PRO A 20 -0.04 11.91 6.16
N TYR A 21 -1.10 11.24 6.51
CA TYR A 21 -1.53 11.21 7.94
C TYR A 21 -0.92 9.98 8.63
N GLY A 22 -0.32 9.11 7.88
CA GLY A 22 0.28 7.89 8.48
C GLY A 22 -0.65 6.69 8.26
N VAL A 23 -1.54 6.79 7.31
CA VAL A 23 -2.48 5.67 7.05
C VAL A 23 -1.93 4.77 5.93
N TRP A 24 -1.62 3.55 6.25
CA TRP A 24 -1.07 2.63 5.20
C TRP A 24 -2.19 2.11 4.29
N TYR A 25 -2.04 2.26 3.01
CA TYR A 25 -3.09 1.77 2.07
C TYR A 25 -2.48 1.47 0.70
N CYS A 26 -3.23 0.87 -0.18
CA CYS A 26 -2.68 0.55 -1.53
C CYS A 26 -3.28 1.50 -2.58
N SER A 27 -2.46 2.02 -3.45
CA SER A 27 -2.99 2.95 -4.50
C SER A 27 -2.82 2.33 -5.89
N PRO A 28 -3.80 2.60 -6.73
CA PRO A 28 -3.76 2.07 -8.11
C PRO A 28 -2.73 2.83 -8.95
N PHE A 29 -1.81 2.14 -9.55
CA PHE A 29 -0.78 2.83 -10.39
C PHE A 29 -0.60 2.08 -11.71
N SER A 30 0.15 2.65 -12.62
CA SER A 30 0.37 1.97 -13.93
C SER A 30 1.86 2.03 -14.30
N VAL A 1 0.53 -10.58 -2.68
CA VAL A 1 0.30 -9.21 -2.12
C VAL A 1 1.63 -8.47 -1.96
N ILE A 2 1.59 -7.16 -2.04
CA ILE A 2 2.85 -6.38 -1.88
C ILE A 2 3.09 -6.05 -0.42
N HIS A 3 4.33 -6.06 0.02
CA HIS A 3 4.62 -5.76 1.45
C HIS A 3 5.70 -4.69 1.56
N CYS A 4 5.39 -3.58 2.17
CA CYS A 4 6.41 -2.51 2.32
C CYS A 4 6.56 -2.13 3.80
N ASP A 5 6.01 -2.93 4.68
CA ASP A 5 6.10 -2.62 6.14
C ASP A 5 6.08 -3.93 6.95
N ALA A 6 4.92 -4.37 7.35
CA ALA A 6 4.84 -5.63 8.14
C ALA A 6 3.36 -5.99 8.40
N ALA A 7 2.52 -5.01 8.53
CA ALA A 7 1.08 -5.30 8.78
C ALA A 7 0.25 -5.05 7.52
N THR A 8 0.01 -3.81 7.19
CA THR A 8 -0.78 -3.49 5.98
C THR A 8 -0.34 -4.37 4.81
N ILE A 9 -1.26 -4.85 4.02
CA ILE A 9 -0.89 -5.71 2.87
C ILE A 9 -1.67 -5.30 1.62
N CYS A 10 -1.09 -5.44 0.46
CA CYS A 10 -1.80 -5.06 -0.79
C CYS A 10 -2.13 -6.31 -1.61
N PRO A 11 -3.22 -6.24 -2.32
CA PRO A 11 -3.64 -7.39 -3.16
C PRO A 11 -2.75 -7.49 -4.40
N ASP A 12 -3.15 -6.84 -5.47
CA ASP A 12 -2.34 -6.89 -6.72
C ASP A 12 -2.69 -5.70 -7.61
N GLY A 13 -1.86 -5.42 -8.59
CA GLY A 13 -2.14 -4.28 -9.51
C GLY A 13 -2.13 -2.98 -8.71
N THR A 14 -1.63 -3.00 -7.51
CA THR A 14 -1.59 -1.76 -6.67
C THR A 14 -0.15 -1.47 -6.22
N THR A 15 0.08 -0.32 -5.66
CA THR A 15 1.45 0.02 -5.21
C THR A 15 1.43 0.53 -3.76
N CYS A 16 2.52 0.38 -3.04
CA CYS A 16 2.55 0.86 -1.64
C CYS A 16 2.40 2.38 -1.59
N SER A 17 1.47 2.87 -0.81
CA SER A 17 1.28 4.35 -0.73
C SER A 17 1.02 4.78 0.71
N LEU A 18 1.68 5.80 1.17
CA LEU A 18 1.47 6.26 2.58
C LEU A 18 0.50 7.45 2.61
N SER A 19 -0.43 7.44 3.52
CA SER A 19 -1.39 8.56 3.61
C SER A 19 -0.76 9.76 4.30
N PRO A 20 -1.41 10.88 4.19
CA PRO A 20 -0.90 12.12 4.81
C PRO A 20 -1.02 12.02 6.33
N TYR A 21 -1.71 11.03 6.81
CA TYR A 21 -1.84 10.86 8.29
C TYR A 21 -0.94 9.73 8.76
N GLY A 22 -0.22 9.10 7.86
CA GLY A 22 0.68 7.98 8.25
C GLY A 22 -0.06 6.65 8.08
N VAL A 23 -1.15 6.66 7.37
CA VAL A 23 -1.93 5.40 7.16
C VAL A 23 -1.38 4.63 5.95
N TRP A 24 -0.90 3.43 6.16
CA TRP A 24 -0.35 2.65 5.02
C TRP A 24 -1.48 2.05 4.19
N TYR A 25 -1.46 2.26 2.90
CA TYR A 25 -2.53 1.69 2.03
C TYR A 25 -2.00 1.47 0.62
N CYS A 26 -2.77 0.84 -0.23
CA CYS A 26 -2.30 0.58 -1.62
C CYS A 26 -2.93 1.57 -2.59
N SER A 27 -2.20 2.04 -3.56
CA SER A 27 -2.75 3.02 -4.54
C SER A 27 -2.79 2.42 -5.94
N PRO A 28 -3.84 2.72 -6.65
CA PRO A 28 -3.99 2.22 -8.03
C PRO A 28 -3.08 2.97 -8.99
N PHE A 29 -2.31 2.27 -9.78
CA PHE A 29 -1.39 2.95 -10.74
C PHE A 29 -1.50 2.32 -12.12
N SER A 30 -1.21 3.06 -13.15
CA SER A 30 -1.30 2.50 -14.54
C SER A 30 -2.72 2.02 -14.81
N VAL A 1 -0.30 -10.15 -2.32
CA VAL A 1 -0.42 -8.80 -1.71
C VAL A 1 0.96 -8.19 -1.51
N ILE A 2 1.23 -7.08 -2.13
CA ILE A 2 2.56 -6.43 -1.96
C ILE A 2 2.90 -6.30 -0.47
N HIS A 3 4.15 -6.12 -0.15
CA HIS A 3 4.54 -5.98 1.29
C HIS A 3 5.75 -5.05 1.42
N CYS A 4 5.52 -3.78 1.57
CA CYS A 4 6.66 -2.82 1.71
C CYS A 4 6.98 -2.62 3.20
N ASP A 5 5.98 -2.49 4.02
CA ASP A 5 6.22 -2.28 5.47
C ASP A 5 6.41 -3.62 6.17
N ALA A 6 5.34 -4.25 6.59
CA ALA A 6 5.48 -5.57 7.27
C ALA A 6 4.13 -5.99 7.88
N ALA A 7 3.29 -5.04 8.22
CA ALA A 7 1.98 -5.40 8.82
C ALA A 7 0.86 -5.20 7.79
N THR A 8 0.40 -3.99 7.62
CA THR A 8 -0.68 -3.73 6.63
C THR A 8 -0.46 -4.54 5.36
N ILE A 9 -1.50 -4.82 4.63
CA ILE A 9 -1.35 -5.61 3.37
C ILE A 9 -2.43 -5.21 2.36
N CYS A 10 -2.11 -5.22 1.10
CA CYS A 10 -3.12 -4.85 0.06
C CYS A 10 -3.17 -5.92 -1.04
N PRO A 11 -3.87 -5.61 -2.10
CA PRO A 11 -4.03 -6.54 -3.21
C PRO A 11 -2.87 -6.40 -4.21
N ASP A 12 -2.82 -7.24 -5.20
CA ASP A 12 -1.73 -7.14 -6.21
C ASP A 12 -2.15 -6.24 -7.38
N GLY A 13 -1.22 -5.60 -8.02
CA GLY A 13 -1.57 -4.72 -9.17
C GLY A 13 -1.54 -3.25 -8.71
N THR A 14 -1.33 -3.02 -7.45
CA THR A 14 -1.28 -1.62 -6.95
C THR A 14 0.12 -1.29 -6.44
N THR A 15 0.37 -0.05 -6.12
CA THR A 15 1.72 0.33 -5.60
C THR A 15 1.63 0.84 -4.17
N CYS A 16 2.50 0.39 -3.31
CA CYS A 16 2.46 0.85 -1.89
C CYS A 16 2.27 2.36 -1.83
N SER A 17 1.59 2.83 -0.82
CA SER A 17 1.37 4.31 -0.70
C SER A 17 0.96 4.67 0.74
N LEU A 18 1.53 5.70 1.28
CA LEU A 18 1.18 6.10 2.68
C LEU A 18 0.34 7.37 2.66
N SER A 19 -0.63 7.46 3.53
CA SER A 19 -1.50 8.67 3.57
C SER A 19 -0.83 9.77 4.39
N PRO A 20 -1.39 10.95 4.28
CA PRO A 20 -0.85 12.11 5.02
C PRO A 20 -1.12 11.95 6.52
N TYR A 21 -1.89 10.96 6.88
CA TYR A 21 -2.17 10.74 8.33
C TYR A 21 -1.35 9.55 8.83
N GLY A 22 -0.55 8.96 7.97
CA GLY A 22 0.27 7.79 8.41
C GLY A 22 -0.51 6.51 8.12
N VAL A 23 -1.52 6.58 7.30
CA VAL A 23 -2.31 5.36 6.98
C VAL A 23 -1.67 4.59 5.83
N TRP A 24 -1.22 3.39 6.08
CA TRP A 24 -0.58 2.59 5.00
C TRP A 24 -1.65 2.02 4.06
N TYR A 25 -1.43 2.10 2.78
CA TYR A 25 -2.43 1.58 1.81
C TYR A 25 -1.81 1.42 0.43
N CYS A 26 -2.54 0.88 -0.51
CA CYS A 26 -2.00 0.71 -1.89
C CYS A 26 -2.74 1.60 -2.88
N SER A 27 -2.03 2.34 -3.67
CA SER A 27 -2.71 3.24 -4.66
C SER A 27 -2.70 2.59 -6.05
N PRO A 28 -3.75 2.84 -6.78
CA PRO A 28 -3.87 2.28 -8.14
C PRO A 28 -2.91 2.99 -9.11
N PHE A 29 -1.83 2.36 -9.47
CA PHE A 29 -0.86 3.01 -10.40
C PHE A 29 -0.70 2.16 -11.67
N SER A 30 -0.20 2.75 -12.73
CA SER A 30 -0.01 1.97 -13.99
C SER A 30 1.11 2.60 -14.83
N VAL A 1 0.38 -10.78 -2.22
CA VAL A 1 0.08 -9.37 -1.84
C VAL A 1 1.37 -8.64 -1.50
N ILE A 2 1.41 -7.35 -1.75
CA ILE A 2 2.64 -6.57 -1.44
C ILE A 2 2.60 -6.03 0.00
N HIS A 3 3.73 -5.79 0.58
CA HIS A 3 3.75 -5.26 1.98
C HIS A 3 4.64 -4.02 2.07
N CYS A 4 4.06 -2.89 2.36
CA CYS A 4 4.87 -1.64 2.46
C CYS A 4 5.73 -1.66 3.72
N ASP A 5 5.20 -2.16 4.81
CA ASP A 5 6.00 -2.21 6.06
C ASP A 5 6.02 -3.64 6.62
N ALA A 6 4.89 -4.19 6.91
CA ALA A 6 4.86 -5.59 7.46
C ALA A 6 3.45 -5.94 7.95
N ALA A 7 2.67 -4.96 8.32
CA ALA A 7 1.28 -5.25 8.80
C ALA A 7 0.26 -5.00 7.68
N THR A 8 0.32 -3.85 7.05
CA THR A 8 -0.65 -3.55 5.96
C THR A 8 -0.34 -4.42 4.73
N ILE A 9 -1.32 -5.09 4.22
CA ILE A 9 -1.10 -5.95 3.01
C ILE A 9 -1.51 -5.20 1.74
N CYS A 10 -1.31 -5.79 0.60
CA CYS A 10 -1.71 -5.11 -0.66
C CYS A 10 -2.02 -6.13 -1.76
N PRO A 11 -3.05 -5.85 -2.50
CA PRO A 11 -3.46 -6.74 -3.60
C PRO A 11 -2.53 -6.58 -4.81
N ASP A 12 -2.74 -7.33 -5.85
CA ASP A 12 -1.86 -7.22 -7.05
C ASP A 12 -2.37 -6.10 -7.97
N GLY A 13 -1.49 -5.43 -8.66
CA GLY A 13 -1.92 -4.34 -9.58
C GLY A 13 -1.87 -3.00 -8.83
N THR A 14 -1.63 -3.03 -7.55
CA THR A 14 -1.57 -1.75 -6.77
C THR A 14 -0.13 -1.46 -6.35
N THR A 15 0.12 -0.28 -5.84
CA THR A 15 1.51 0.06 -5.41
C THR A 15 1.51 0.54 -3.96
N CYS A 16 2.59 0.33 -3.26
CA CYS A 16 2.65 0.78 -1.83
C CYS A 16 2.61 2.31 -1.74
N SER A 17 2.05 2.83 -0.68
CA SER A 17 1.97 4.30 -0.53
C SER A 17 1.49 4.66 0.88
N LEU A 18 2.11 5.65 1.50
CA LEU A 18 1.69 6.05 2.87
C LEU A 18 0.72 7.22 2.81
N SER A 19 -0.28 7.22 3.65
CA SER A 19 -1.26 8.35 3.63
C SER A 19 -0.68 9.56 4.35
N PRO A 20 -1.36 10.66 4.22
CA PRO A 20 -0.93 11.91 4.86
C PRO A 20 -1.08 11.81 6.38
N TYR A 21 -1.84 10.86 6.83
CA TYR A 21 -2.01 10.67 8.30
C TYR A 21 -1.07 9.56 8.79
N GLY A 22 -0.29 9.00 7.92
CA GLY A 22 0.63 7.91 8.33
C GLY A 22 -0.08 6.56 8.18
N VAL A 23 -1.08 6.49 7.34
CA VAL A 23 -1.81 5.21 7.15
C VAL A 23 -1.20 4.41 5.99
N TRP A 24 -0.59 3.29 6.29
CA TRP A 24 0.02 2.46 5.22
C TRP A 24 -1.07 1.91 4.28
N TYR A 25 -0.94 2.13 3.01
CA TYR A 25 -1.96 1.61 2.06
C TYR A 25 -1.38 1.48 0.65
N CYS A 26 -2.14 0.98 -0.27
CA CYS A 26 -1.63 0.83 -1.66
C CYS A 26 -2.59 1.51 -2.65
N SER A 27 -2.06 2.20 -3.62
CA SER A 27 -2.95 2.89 -4.61
C SER A 27 -2.85 2.24 -5.98
N PRO A 28 -3.98 2.11 -6.62
CA PRO A 28 -4.03 1.50 -7.96
C PRO A 28 -3.47 2.47 -9.02
N PHE A 29 -2.41 2.10 -9.68
CA PHE A 29 -1.83 3.00 -10.71
C PHE A 29 -2.26 2.56 -12.12
N SER A 30 -2.51 3.49 -12.98
CA SER A 30 -2.93 3.13 -14.37
C SER A 30 -3.97 2.00 -14.33
N VAL A 1 0.38 -10.66 -2.69
CA VAL A 1 0.03 -9.33 -2.10
C VAL A 1 1.28 -8.48 -1.92
N ILE A 2 1.28 -7.28 -2.44
CA ILE A 2 2.47 -6.40 -2.29
C ILE A 2 2.77 -6.17 -0.80
N HIS A 3 3.96 -5.74 -0.48
CA HIS A 3 4.31 -5.51 0.95
C HIS A 3 5.32 -4.37 1.07
N CYS A 4 5.02 -3.39 1.87
CA CYS A 4 5.97 -2.25 2.05
C CYS A 4 6.26 -2.03 3.53
N ASP A 5 6.05 -3.04 4.34
CA ASP A 5 6.30 -2.90 5.80
C ASP A 5 6.28 -4.28 6.47
N ALA A 6 5.53 -4.43 7.54
CA ALA A 6 5.47 -5.74 8.22
C ALA A 6 4.03 -6.03 8.69
N ALA A 7 3.09 -5.25 8.24
CA ALA A 7 1.67 -5.48 8.66
C ALA A 7 0.72 -5.27 7.47
N THR A 8 0.33 -4.05 7.23
CA THR A 8 -0.61 -3.79 6.09
C THR A 8 -0.23 -4.64 4.87
N ILE A 9 -1.19 -5.13 4.16
CA ILE A 9 -0.88 -5.96 2.95
C ILE A 9 -1.66 -5.43 1.75
N CYS A 10 -1.10 -5.53 0.57
CA CYS A 10 -1.81 -5.03 -0.64
C CYS A 10 -1.97 -6.15 -1.66
N PRO A 11 -3.07 -6.10 -2.36
CA PRO A 11 -3.36 -7.12 -3.39
C PRO A 11 -2.47 -6.90 -4.62
N ASP A 12 -2.70 -7.63 -5.67
CA ASP A 12 -1.87 -7.45 -6.90
C ASP A 12 -2.45 -6.36 -7.79
N GLY A 13 -1.62 -5.68 -8.55
CA GLY A 13 -2.14 -4.61 -9.43
C GLY A 13 -2.18 -3.29 -8.66
N THR A 14 -1.64 -3.26 -7.49
CA THR A 14 -1.65 -2.00 -6.69
C THR A 14 -0.26 -1.73 -6.09
N THR A 15 -0.04 -0.56 -5.59
CA THR A 15 1.30 -0.24 -4.99
C THR A 15 1.11 0.33 -3.59
N CYS A 16 1.98 -0.03 -2.67
CA CYS A 16 1.87 0.49 -1.28
C CYS A 16 2.10 2.00 -1.26
N SER A 17 1.32 2.71 -0.50
CA SER A 17 1.50 4.19 -0.44
C SER A 17 1.10 4.71 0.93
N LEU A 18 1.87 5.63 1.47
CA LEU A 18 1.53 6.18 2.81
C LEU A 18 0.74 7.49 2.66
N SER A 19 -0.35 7.61 3.35
CA SER A 19 -1.16 8.85 3.24
C SER A 19 -0.53 9.99 4.06
N PRO A 20 -1.05 11.15 3.87
CA PRO A 20 -0.54 12.34 4.60
C PRO A 20 -0.91 12.23 6.07
N TYR A 21 -1.80 11.34 6.40
CA TYR A 21 -2.18 11.16 7.83
C TYR A 21 -1.29 10.09 8.46
N GLY A 22 -0.55 9.37 7.66
CA GLY A 22 0.32 8.30 8.22
C GLY A 22 -0.40 6.95 8.13
N VAL A 23 -1.33 6.82 7.22
CA VAL A 23 -2.06 5.53 7.09
C VAL A 23 -1.53 4.73 5.89
N TRP A 24 -1.11 3.51 6.11
CA TRP A 24 -0.57 2.70 4.97
C TRP A 24 -1.71 2.09 4.17
N TYR A 25 -1.81 2.41 2.90
CA TYR A 25 -2.91 1.83 2.07
C TYR A 25 -2.39 1.48 0.68
N CYS A 26 -3.17 0.75 -0.08
CA CYS A 26 -2.72 0.36 -1.45
C CYS A 26 -3.25 1.36 -2.49
N SER A 27 -2.39 2.13 -3.08
CA SER A 27 -2.85 3.12 -4.10
C SER A 27 -2.71 2.54 -5.51
N PRO A 28 -3.61 2.94 -6.37
CA PRO A 28 -3.58 2.46 -7.76
C PRO A 28 -2.50 3.20 -8.56
N PHE A 29 -1.61 2.48 -9.18
CA PHE A 29 -0.54 3.15 -9.98
C PHE A 29 -0.84 3.02 -11.48
N SER A 30 -0.34 3.93 -12.28
CA SER A 30 -0.60 3.86 -13.74
C SER A 30 -2.09 3.67 -14.00
N VAL A 1 -0.02 -11.51 -2.27
CA VAL A 1 -0.39 -10.08 -2.03
C VAL A 1 0.87 -9.24 -1.77
N ILE A 2 0.96 -8.09 -2.38
CA ILE A 2 2.16 -7.23 -2.15
C ILE A 2 2.33 -6.95 -0.67
N HIS A 3 3.55 -6.79 -0.21
CA HIS A 3 3.77 -6.51 1.23
C HIS A 3 4.72 -5.32 1.40
N CYS A 4 4.35 -4.36 2.21
CA CYS A 4 5.22 -3.18 2.42
C CYS A 4 5.16 -2.74 3.89
N ASP A 5 5.80 -1.65 4.22
CA ASP A 5 5.77 -1.17 5.63
C ASP A 5 6.25 -2.29 6.57
N ALA A 6 5.34 -3.11 7.02
CA ALA A 6 5.74 -4.20 7.95
C ALA A 6 4.56 -5.16 8.19
N ALA A 7 3.38 -4.63 8.33
CA ALA A 7 2.19 -5.49 8.57
C ALA A 7 1.16 -5.31 7.45
N THR A 8 0.68 -4.11 7.26
CA THR A 8 -0.33 -3.86 6.18
C THR A 8 0.09 -4.59 4.90
N ILE A 9 -0.87 -4.96 4.09
CA ILE A 9 -0.52 -5.66 2.82
C ILE A 9 -1.26 -5.02 1.64
N CYS A 10 -0.88 -5.35 0.44
CA CYS A 10 -1.55 -4.76 -0.75
C CYS A 10 -1.89 -5.85 -1.77
N PRO A 11 -2.97 -5.64 -2.47
CA PRO A 11 -3.41 -6.62 -3.50
C PRO A 11 -2.53 -6.53 -4.74
N ASP A 12 -2.84 -7.29 -5.75
CA ASP A 12 -2.02 -7.25 -7.00
C ASP A 12 -2.50 -6.12 -7.91
N GLY A 13 -1.62 -5.59 -8.71
CA GLY A 13 -2.03 -4.48 -9.62
C GLY A 13 -2.13 -3.17 -8.83
N THR A 14 -1.37 -3.04 -7.78
CA THR A 14 -1.42 -1.78 -6.98
C THR A 14 -0.06 -1.51 -6.34
N THR A 15 0.13 -0.32 -5.83
CA THR A 15 1.43 0.02 -5.19
C THR A 15 1.22 0.43 -3.73
N CYS A 16 2.22 0.29 -2.91
CA CYS A 16 2.07 0.69 -1.48
C CYS A 16 2.28 2.19 -1.32
N SER A 17 1.57 2.82 -0.43
CA SER A 17 1.73 4.28 -0.24
C SER A 17 1.32 4.69 1.18
N LEU A 18 1.75 5.83 1.63
CA LEU A 18 1.39 6.28 3.01
C LEU A 18 0.51 7.53 2.93
N SER A 19 -0.55 7.56 3.69
CA SER A 19 -1.45 8.75 3.66
C SER A 19 -0.80 9.92 4.41
N PRO A 20 -1.44 11.05 4.32
CA PRO A 20 -0.92 12.26 4.98
C PRO A 20 -1.06 12.12 6.49
N TYR A 21 -1.79 11.15 6.94
CA TYR A 21 -1.95 10.93 8.40
C TYR A 21 -1.07 9.77 8.86
N GLY A 22 -0.33 9.17 7.94
CA GLY A 22 0.54 8.03 8.31
C GLY A 22 -0.25 6.72 8.17
N VAL A 23 -1.22 6.69 7.29
CA VAL A 23 -2.02 5.46 7.09
C VAL A 23 -1.44 4.63 5.93
N TRP A 24 -1.10 3.40 6.18
CA TRP A 24 -0.55 2.55 5.09
C TRP A 24 -1.67 2.03 4.19
N TYR A 25 -1.69 2.44 2.95
CA TYR A 25 -2.75 1.97 2.02
C TYR A 25 -2.16 1.59 0.67
N CYS A 26 -2.94 1.03 -0.20
CA CYS A 26 -2.41 0.61 -1.53
C CYS A 26 -3.08 1.43 -2.64
N SER A 27 -2.31 2.20 -3.37
CA SER A 27 -2.91 3.02 -4.46
C SER A 27 -2.76 2.29 -5.80
N PRO A 28 -3.54 2.70 -6.76
CA PRO A 28 -3.49 2.08 -8.10
C PRO A 28 -2.25 2.55 -8.86
N PHE A 29 -1.97 1.94 -9.98
CA PHE A 29 -0.77 2.35 -10.77
C PHE A 29 -1.18 3.30 -11.90
N SER A 30 -1.24 4.58 -11.63
CA SER A 30 -1.63 5.54 -12.69
C SER A 30 -0.85 6.85 -12.54
N VAL A 1 0.32 -10.83 -2.27
CA VAL A 1 -0.15 -9.48 -1.86
C VAL A 1 1.04 -8.64 -1.35
N ILE A 2 1.27 -7.50 -1.93
CA ILE A 2 2.40 -6.65 -1.47
C ILE A 2 2.27 -6.38 0.04
N HIS A 3 3.33 -5.91 0.66
CA HIS A 3 3.27 -5.66 2.13
C HIS A 3 3.69 -4.21 2.44
N CYS A 4 4.38 -3.57 1.54
CA CYS A 4 4.81 -2.17 1.79
C CYS A 4 5.83 -2.12 2.94
N ASP A 5 5.43 -2.54 4.11
CA ASP A 5 6.38 -2.53 5.26
C ASP A 5 6.45 -3.91 5.91
N ALA A 6 5.32 -4.44 6.33
CA ALA A 6 5.33 -5.79 6.96
C ALA A 6 3.92 -6.15 7.44
N ALA A 7 3.15 -5.18 7.86
CA ALA A 7 1.77 -5.46 8.33
C ALA A 7 0.75 -5.16 7.23
N THR A 8 0.43 -3.91 7.04
CA THR A 8 -0.56 -3.55 5.98
C THR A 8 -0.28 -4.35 4.70
N ILE A 9 -1.19 -5.19 4.30
CA ILE A 9 -0.98 -6.00 3.07
C ILE A 9 -1.66 -5.33 1.87
N CYS A 10 -1.08 -5.43 0.71
CA CYS A 10 -1.70 -4.81 -0.49
C CYS A 10 -1.90 -5.86 -1.59
N PRO A 11 -2.91 -5.65 -2.38
CA PRO A 11 -3.23 -6.59 -3.49
C PRO A 11 -2.20 -6.46 -4.61
N ASP A 12 -2.30 -7.27 -5.63
CA ASP A 12 -1.32 -7.19 -6.76
C ASP A 12 -1.77 -6.12 -7.75
N GLY A 13 -0.90 -5.72 -8.65
CA GLY A 13 -1.27 -4.68 -9.65
C GLY A 13 -1.45 -3.34 -8.95
N THR A 14 -1.03 -3.23 -7.72
CA THR A 14 -1.18 -1.93 -6.99
C THR A 14 0.17 -1.51 -6.40
N THR A 15 0.24 -0.33 -5.86
CA THR A 15 1.52 0.15 -5.27
C THR A 15 1.30 0.60 -3.82
N CYS A 16 2.31 0.52 -3.00
CA CYS A 16 2.15 0.94 -1.58
C CYS A 16 2.29 2.46 -1.47
N SER A 17 1.43 3.09 -0.70
CA SER A 17 1.52 4.56 -0.55
C SER A 17 1.18 4.97 0.88
N LEU A 18 1.77 6.02 1.37
CA LEU A 18 1.49 6.47 2.77
C LEU A 18 0.56 7.70 2.75
N SER A 19 -0.37 7.75 3.67
CA SER A 19 -1.29 8.91 3.72
C SER A 19 -0.68 10.05 4.55
N PRO A 20 -1.34 11.18 4.52
CA PRO A 20 -0.87 12.35 5.28
C PRO A 20 -1.03 12.11 6.77
N TYR A 21 -1.80 11.11 7.12
CA TYR A 21 -1.98 10.80 8.57
C TYR A 21 -1.05 9.65 8.98
N GLY A 22 -0.27 9.15 8.06
CA GLY A 22 0.66 8.03 8.40
C GLY A 22 -0.08 6.70 8.22
N VAL A 23 -1.01 6.64 7.31
CA VAL A 23 -1.76 5.37 7.07
C VAL A 23 -1.19 4.64 5.85
N TRP A 24 -0.79 3.42 6.02
CA TRP A 24 -0.24 2.66 4.86
C TRP A 24 -1.40 2.04 4.05
N TYR A 25 -1.58 2.48 2.83
CA TYR A 25 -2.69 1.92 2.01
C TYR A 25 -2.18 1.56 0.62
N CYS A 26 -2.99 0.91 -0.18
CA CYS A 26 -2.55 0.52 -1.55
C CYS A 26 -3.16 1.48 -2.58
N SER A 27 -2.36 1.96 -3.49
CA SER A 27 -2.90 2.89 -4.53
C SER A 27 -2.92 2.20 -5.90
N PRO A 28 -3.99 2.40 -6.61
CA PRO A 28 -4.13 1.79 -7.95
C PRO A 28 -3.22 2.49 -8.96
N PHE A 29 -2.19 1.83 -9.40
CA PHE A 29 -1.26 2.46 -10.39
C PHE A 29 -1.04 1.52 -11.59
N SER A 30 -1.28 2.00 -12.77
CA SER A 30 -1.09 1.14 -13.98
C SER A 30 -1.35 1.95 -15.26
N VAL A 1 0.37 -10.79 -2.44
CA VAL A 1 -0.09 -9.50 -1.86
C VAL A 1 1.11 -8.63 -1.47
N ILE A 2 1.23 -7.47 -2.05
CA ILE A 2 2.37 -6.58 -1.70
C ILE A 2 2.45 -6.42 -0.18
N HIS A 3 3.59 -6.06 0.34
CA HIS A 3 3.72 -5.90 1.81
C HIS A 3 4.50 -4.63 2.15
N CYS A 4 5.63 -4.42 1.52
CA CYS A 4 6.44 -3.20 1.81
C CYS A 4 6.83 -3.18 3.29
N ASP A 5 5.92 -2.82 4.15
CA ASP A 5 6.25 -2.78 5.60
C ASP A 5 6.21 -4.21 6.19
N ALA A 6 5.60 -4.38 7.33
CA ALA A 6 5.53 -5.74 7.94
C ALA A 6 4.11 -6.04 8.39
N ALA A 7 3.17 -5.20 8.06
CA ALA A 7 1.75 -5.46 8.48
C ALA A 7 0.79 -5.11 7.35
N THR A 8 0.41 -3.85 7.24
CA THR A 8 -0.54 -3.44 6.17
C THR A 8 -0.21 -4.15 4.86
N ILE A 9 -0.92 -5.20 4.54
CA ILE A 9 -0.64 -5.94 3.27
C ILE A 9 -1.46 -5.33 2.12
N CYS A 10 -1.18 -5.73 0.90
CA CYS A 10 -1.94 -5.18 -0.25
C CYS A 10 -2.16 -6.27 -1.31
N PRO A 11 -3.09 -6.00 -2.18
CA PRO A 11 -3.41 -6.96 -3.26
C PRO A 11 -2.40 -6.84 -4.40
N ASP A 12 -2.75 -7.29 -5.57
CA ASP A 12 -1.81 -7.20 -6.73
C ASP A 12 -2.28 -6.13 -7.71
N GLY A 13 -1.37 -5.50 -8.40
CA GLY A 13 -1.77 -4.45 -9.38
C GLY A 13 -1.89 -3.10 -8.65
N THR A 14 -1.15 -2.91 -7.60
CA THR A 14 -1.24 -1.62 -6.86
C THR A 14 0.16 -1.22 -6.33
N THR A 15 0.28 -0.02 -5.83
CA THR A 15 1.60 0.42 -5.30
C THR A 15 1.47 0.91 -3.85
N CYS A 16 2.45 0.62 -3.04
CA CYS A 16 2.38 1.07 -1.61
C CYS A 16 2.41 2.59 -1.53
N SER A 17 1.67 3.16 -0.62
CA SER A 17 1.65 4.65 -0.48
C SER A 17 1.16 5.04 0.91
N LEU A 18 1.89 5.91 1.58
CA LEU A 18 1.47 6.32 2.95
C LEU A 18 0.64 7.61 2.88
N SER A 19 -0.44 7.68 3.62
CA SER A 19 -1.27 8.91 3.60
C SER A 19 -0.65 9.99 4.49
N PRO A 20 -1.18 11.17 4.38
CA PRO A 20 -0.68 12.31 5.17
C PRO A 20 -1.03 12.11 6.65
N TYR A 21 -1.79 11.12 6.95
CA TYR A 21 -2.16 10.85 8.38
C TYR A 21 -1.38 9.65 8.90
N GLY A 22 -0.62 9.00 8.07
CA GLY A 22 0.16 7.81 8.53
C GLY A 22 -0.61 6.53 8.19
N VAL A 23 -1.61 6.63 7.35
CA VAL A 23 -2.39 5.42 6.97
C VAL A 23 -1.69 4.69 5.82
N TRP A 24 -1.21 3.50 6.06
CA TRP A 24 -0.52 2.74 4.97
C TRP A 24 -1.54 2.13 4.01
N TYR A 25 -1.53 2.55 2.77
CA TYR A 25 -2.49 1.98 1.79
C TYR A 25 -1.83 1.82 0.42
N CYS A 26 -2.53 1.27 -0.53
CA CYS A 26 -1.93 1.09 -1.88
C CYS A 26 -2.83 1.75 -2.94
N SER A 27 -2.24 2.43 -3.89
CA SER A 27 -3.06 3.12 -4.93
C SER A 27 -2.93 2.39 -6.27
N PRO A 28 -3.97 2.47 -7.05
CA PRO A 28 -4.01 1.83 -8.37
C PRO A 28 -3.20 2.65 -9.39
N PHE A 29 -2.20 2.05 -9.98
CA PHE A 29 -1.38 2.80 -10.98
C PHE A 29 -1.59 2.22 -12.38
N SER A 30 -1.20 2.95 -13.40
CA SER A 30 -1.38 2.44 -14.78
C SER A 30 -2.84 2.03 -15.02
N VAL A 1 -0.14 -11.08 -2.44
CA VAL A 1 -0.26 -9.64 -2.09
C VAL A 1 1.12 -9.01 -1.94
N ILE A 2 1.24 -7.72 -2.16
CA ILE A 2 2.56 -7.05 -2.04
C ILE A 2 2.81 -6.66 -0.58
N HIS A 3 4.05 -6.50 -0.21
CA HIS A 3 4.37 -6.12 1.19
C HIS A 3 5.50 -5.08 1.22
N CYS A 4 5.24 -3.91 1.74
CA CYS A 4 6.30 -2.86 1.79
C CYS A 4 6.33 -2.22 3.17
N ASP A 5 5.64 -2.77 4.12
CA ASP A 5 5.64 -2.18 5.50
C ASP A 5 5.92 -3.27 6.55
N ALA A 6 4.90 -3.74 7.21
CA ALA A 6 5.12 -4.80 8.23
C ALA A 6 3.79 -5.51 8.56
N ALA A 7 2.74 -4.75 8.71
CA ALA A 7 1.42 -5.37 9.03
C ALA A 7 0.46 -5.19 7.84
N THR A 8 0.32 -3.98 7.37
CA THR A 8 -0.60 -3.74 6.22
C THR A 8 -0.18 -4.60 5.02
N ILE A 9 -1.07 -4.78 4.08
CA ILE A 9 -0.72 -5.61 2.88
C ILE A 9 -1.31 -4.98 1.62
N CYS A 10 -0.98 -5.50 0.47
CA CYS A 10 -1.53 -4.92 -0.79
C CYS A 10 -1.82 -6.03 -1.81
N PRO A 11 -2.93 -5.91 -2.46
CA PRO A 11 -3.33 -6.90 -3.48
C PRO A 11 -2.53 -6.70 -4.76
N ASP A 12 -2.94 -7.30 -5.84
CA ASP A 12 -2.20 -7.12 -7.13
C ASP A 12 -2.76 -5.93 -7.89
N GLY A 13 -1.93 -5.25 -8.64
CA GLY A 13 -2.42 -4.07 -9.42
C GLY A 13 -2.41 -2.82 -8.53
N THR A 14 -1.67 -2.86 -7.45
CA THR A 14 -1.63 -1.67 -6.55
C THR A 14 -0.18 -1.39 -6.12
N THR A 15 0.05 -0.29 -5.47
CA THR A 15 1.44 0.05 -5.02
C THR A 15 1.43 0.49 -3.56
N CYS A 16 2.41 0.08 -2.79
CA CYS A 16 2.45 0.49 -1.35
C CYS A 16 2.65 1.99 -1.24
N SER A 17 1.85 2.65 -0.43
CA SER A 17 2.00 4.12 -0.28
C SER A 17 1.44 4.58 1.06
N LEU A 18 2.12 5.48 1.73
CA LEU A 18 1.62 5.98 3.03
C LEU A 18 0.70 7.18 2.83
N SER A 19 -0.34 7.29 3.63
CA SER A 19 -1.27 8.43 3.47
C SER A 19 -0.73 9.68 4.18
N PRO A 20 -1.37 10.79 3.93
CA PRO A 20 -0.94 12.06 4.54
C PRO A 20 -1.23 12.04 6.03
N TYR A 21 -2.01 11.11 6.49
CA TYR A 21 -2.30 11.01 7.94
C TYR A 21 -1.44 9.92 8.58
N GLY A 22 -0.59 9.30 7.80
CA GLY A 22 0.28 8.22 8.35
C GLY A 22 -0.45 6.88 8.22
N VAL A 23 -1.29 6.74 7.23
CA VAL A 23 -2.04 5.46 7.06
C VAL A 23 -1.43 4.63 5.92
N TRP A 24 -1.02 3.42 6.19
CA TRP A 24 -0.44 2.57 5.13
C TRP A 24 -1.52 2.01 4.21
N TYR A 25 -1.49 2.34 2.95
CA TYR A 25 -2.54 1.82 2.01
C TYR A 25 -1.93 1.53 0.63
N CYS A 26 -2.67 0.86 -0.21
CA CYS A 26 -2.15 0.54 -1.57
C CYS A 26 -2.85 1.42 -2.60
N SER A 27 -2.11 2.25 -3.29
CA SER A 27 -2.74 3.15 -4.29
C SER A 27 -2.71 2.51 -5.68
N PRO A 28 -3.77 2.74 -6.41
CA PRO A 28 -3.88 2.19 -7.78
C PRO A 28 -3.01 3.00 -8.76
N PHE A 29 -2.15 2.34 -9.48
CA PHE A 29 -1.28 3.07 -10.45
C PHE A 29 -1.45 2.51 -11.86
N SER A 30 -1.91 3.32 -12.78
CA SER A 30 -2.10 2.82 -14.17
C SER A 30 -3.15 1.72 -14.21
N VAL A 1 0.96 -11.47 -2.24
CA VAL A 1 0.50 -10.09 -1.93
C VAL A 1 1.70 -9.17 -1.71
N ILE A 2 1.55 -7.90 -1.98
CA ILE A 2 2.69 -6.95 -1.79
C ILE A 2 2.84 -6.61 -0.31
N HIS A 3 4.05 -6.40 0.14
CA HIS A 3 4.27 -6.06 1.58
C HIS A 3 5.32 -4.95 1.70
N CYS A 4 4.90 -3.72 1.55
CA CYS A 4 5.86 -2.59 1.66
C CYS A 4 6.30 -2.39 3.11
N ASP A 5 5.44 -2.66 4.05
CA ASP A 5 5.81 -2.48 5.49
C ASP A 5 5.79 -3.83 6.22
N ALA A 6 4.68 -4.21 6.76
CA ALA A 6 4.61 -5.50 7.49
C ALA A 6 3.15 -5.82 7.87
N ALA A 7 2.37 -4.82 8.16
CA ALA A 7 0.95 -5.06 8.54
C ALA A 7 0.03 -4.84 7.33
N THR A 8 -0.34 -3.62 7.07
CA THR A 8 -1.23 -3.34 5.91
C THR A 8 -0.65 -3.96 4.64
N ILE A 9 -1.23 -5.02 4.16
CA ILE A 9 -0.70 -5.68 2.93
C ILE A 9 -1.37 -5.10 1.69
N CYS A 10 -0.81 -5.34 0.54
CA CYS A 10 -1.43 -4.81 -0.71
C CYS A 10 -1.48 -5.91 -1.78
N PRO A 11 -2.56 -5.93 -2.52
CA PRO A 11 -2.74 -6.94 -3.58
C PRO A 11 -1.85 -6.62 -4.78
N ASP A 12 -1.80 -7.49 -5.75
CA ASP A 12 -0.95 -7.23 -6.95
C ASP A 12 -1.62 -6.22 -7.87
N GLY A 13 -0.84 -5.48 -8.62
CA GLY A 13 -1.44 -4.49 -9.56
C GLY A 13 -1.57 -3.14 -8.85
N THR A 14 -1.33 -3.10 -7.57
CA THR A 14 -1.44 -1.81 -6.83
C THR A 14 -0.07 -1.42 -6.24
N THR A 15 0.06 -0.20 -5.81
CA THR A 15 1.37 0.24 -5.23
C THR A 15 1.16 0.78 -3.81
N CYS A 16 1.79 0.17 -2.85
CA CYS A 16 1.64 0.64 -1.44
C CYS A 16 1.88 2.15 -1.36
N SER A 17 1.38 2.79 -0.35
CA SER A 17 1.59 4.26 -0.22
C SER A 17 1.19 4.73 1.18
N LEU A 18 1.86 5.72 1.70
CA LEU A 18 1.52 6.20 3.07
C LEU A 18 0.84 7.57 3.00
N SER A 19 -0.22 7.75 3.73
CA SER A 19 -0.92 9.05 3.72
C SER A 19 -0.17 10.06 4.59
N PRO A 20 -0.55 11.30 4.46
CA PRO A 20 0.10 12.37 5.25
C PRO A 20 -0.29 12.24 6.72
N TYR A 21 -1.26 11.42 7.00
CA TYR A 21 -1.67 11.22 8.42
C TYR A 21 -1.00 9.96 8.98
N GLY A 22 -0.25 9.26 8.16
CA GLY A 22 0.41 8.02 8.65
C GLY A 22 -0.47 6.81 8.34
N VAL A 23 -1.37 6.94 7.39
CA VAL A 23 -2.27 5.81 7.05
C VAL A 23 -1.65 4.96 5.92
N TRP A 24 -1.40 3.71 6.18
CA TRP A 24 -0.80 2.84 5.13
C TRP A 24 -1.89 2.28 4.21
N TYR A 25 -1.76 2.47 2.93
CA TYR A 25 -2.79 1.95 1.99
C TYR A 25 -2.16 1.54 0.66
N CYS A 26 -2.92 0.97 -0.22
CA CYS A 26 -2.35 0.53 -1.54
C CYS A 26 -2.96 1.35 -2.67
N SER A 27 -2.19 2.25 -3.25
CA SER A 27 -2.73 3.08 -4.37
C SER A 27 -2.92 2.20 -5.61
N PRO A 28 -3.94 2.49 -6.34
CA PRO A 28 -4.25 1.72 -7.56
C PRO A 28 -3.31 2.11 -8.71
N PHE A 29 -3.34 1.37 -9.79
CA PHE A 29 -2.46 1.69 -10.94
C PHE A 29 -3.24 2.49 -11.99
N SER A 30 -3.33 3.79 -11.82
CA SER A 30 -4.07 4.62 -12.82
C SER A 30 -3.71 4.18 -14.24
N VAL A 1 -0.80 -11.21 -2.17
CA VAL A 1 -1.06 -9.76 -1.95
C VAL A 1 0.24 -9.02 -1.66
N ILE A 2 0.61 -8.09 -2.51
CA ILE A 2 1.87 -7.33 -2.28
C ILE A 2 1.99 -6.92 -0.81
N HIS A 3 3.19 -6.76 -0.33
CA HIS A 3 3.37 -6.37 1.10
C HIS A 3 4.12 -5.04 1.19
N CYS A 4 5.35 -5.01 0.76
CA CYS A 4 6.14 -3.74 0.82
C CYS A 4 6.25 -3.24 2.28
N ASP A 5 5.18 -2.75 2.84
CA ASP A 5 5.24 -2.25 4.24
C ASP A 5 5.75 -3.35 5.17
N ALA A 6 5.56 -3.21 6.46
CA ALA A 6 6.05 -4.24 7.41
C ALA A 6 4.89 -5.12 7.90
N ALA A 7 3.68 -4.63 7.79
CA ALA A 7 2.51 -5.43 8.27
C ALA A 7 1.38 -5.37 7.24
N THR A 8 0.63 -4.31 7.23
CA THR A 8 -0.51 -4.20 6.27
C THR A 8 -0.09 -4.73 4.89
N ILE A 9 -0.90 -5.56 4.30
CA ILE A 9 -0.55 -6.11 2.95
C ILE A 9 -1.28 -5.32 1.86
N CYS A 10 -1.00 -5.63 0.62
CA CYS A 10 -1.68 -4.90 -0.49
C CYS A 10 -2.28 -5.89 -1.49
N PRO A 11 -3.50 -5.65 -1.86
CA PRO A 11 -4.19 -6.51 -2.83
C PRO A 11 -3.72 -6.21 -4.25
N ASP A 12 -3.81 -7.15 -5.14
CA ASP A 12 -3.35 -6.90 -6.53
C ASP A 12 -1.97 -6.25 -6.53
N GLY A 13 -1.43 -5.98 -7.68
CA GLY A 13 -0.08 -5.35 -7.73
C GLY A 13 -0.11 -4.05 -6.92
N THR A 14 -0.89 -3.10 -7.33
CA THR A 14 -1.00 -1.81 -6.58
C THR A 14 0.39 -1.30 -6.16
N THR A 15 0.44 -0.20 -5.49
CA THR A 15 1.74 0.35 -5.05
C THR A 15 1.65 0.84 -3.60
N CYS A 16 2.77 0.89 -2.91
CA CYS A 16 2.74 1.36 -1.50
C CYS A 16 2.44 2.86 -1.44
N SER A 17 1.47 3.25 -0.66
CA SER A 17 1.14 4.70 -0.56
C SER A 17 0.75 5.05 0.87
N LEU A 18 1.41 6.01 1.46
CA LEU A 18 1.07 6.40 2.86
C LEU A 18 0.22 7.67 2.87
N SER A 19 -0.80 7.72 3.68
CA SER A 19 -1.66 8.92 3.74
C SER A 19 -1.00 10.02 4.55
N PRO A 20 -1.55 11.20 4.45
CA PRO A 20 -1.02 12.36 5.18
C PRO A 20 -1.28 12.20 6.68
N TYR A 21 -2.04 11.21 7.04
CA TYR A 21 -2.32 10.97 8.49
C TYR A 21 -1.49 9.79 8.99
N GLY A 22 -0.75 9.16 8.12
CA GLY A 22 0.09 8.01 8.55
C GLY A 22 -0.68 6.71 8.29
N VAL A 23 -1.59 6.72 7.34
CA VAL A 23 -2.38 5.49 7.04
C VAL A 23 -1.74 4.72 5.88
N TRP A 24 -1.24 3.55 6.13
CA TRP A 24 -0.61 2.75 5.03
C TRP A 24 -1.69 2.14 4.13
N TYR A 25 -1.65 2.41 2.86
CA TYR A 25 -2.66 1.82 1.94
C TYR A 25 -2.04 1.57 0.56
N CYS A 26 -2.78 0.94 -0.32
CA CYS A 26 -2.23 0.64 -1.68
C CYS A 26 -2.87 1.57 -2.71
N SER A 27 -2.14 1.93 -3.73
CA SER A 27 -2.70 2.82 -4.77
C SER A 27 -2.43 2.25 -6.17
N PRO A 28 -3.33 2.52 -7.07
CA PRO A 28 -3.20 2.04 -8.46
C PRO A 28 -2.11 2.83 -9.20
N PHE A 29 -1.18 2.16 -9.79
CA PHE A 29 -0.09 2.89 -10.52
C PHE A 29 -0.29 2.74 -12.04
N SER A 30 0.49 3.45 -12.82
CA SER A 30 0.36 3.35 -14.29
C SER A 30 -1.09 3.62 -14.72
#